data_7R96
#
_entry.id   7R96
#
_cell.length_a   125.206
_cell.length_b   125.206
_cell.length_c   65.227
_cell.angle_alpha   90.000
_cell.angle_beta   90.000
_cell.angle_gamma   120.000
#
_symmetry.space_group_name_H-M   'P 63'
#
loop_
_entity.id
_entity.type
_entity.pdbx_description
1 polymer "DNA (5'-D(*AP*GP*GP*CP*AP*GP*CP*CP*TP*GP*TP*AP*CP*GP*GP*AP*CP*AP*TP*CP*A)-3')"
2 polymer "DNA (5'-D(P*CP*CP*GP*TP*AP*CP*A)-3')"
3 polymer "DNA (5'-D(P*GP*GP*CP*TP*GP*C)-3')"
4 polymer "DNA (5'-D(*TP*CP*TP*GP*AP*TP*GP*T)-3')"
#
loop_
_entity_poly.entity_id
_entity_poly.type
_entity_poly.pdbx_seq_one_letter_code
_entity_poly.pdbx_strand_id
1 'polydeoxyribonucleotide'
;(DA)(DG)(DG)(DC)(DA)(DG)(DC)(DC)(DT)(DG)(DT)(DA)(DC)(DG)(DG)(DA)(DC)(DA)(DT)(DC)
(DA)
;
A
2 'polydeoxyribonucleotide' (DC)(DC)(DG)(DT)(DA)(DC)(DA) B
3 'polydeoxyribonucleotide' (DG)(DG)(DC)(DT)(DG)(DC) C
4 'polydeoxyribonucleotide' (DT)(DC)(DT)(DG)(DA)(DT)(DG)(DT) D
#
loop_
_chem_comp.id
_chem_comp.type
_chem_comp.name
_chem_comp.formula
DA DNA linking 2'-DEOXYADENOSINE-5'-MONOPHOSPHATE 'C10 H14 N5 O6 P'
DC DNA linking 2'-DEOXYCYTIDINE-5'-MONOPHOSPHATE 'C9 H14 N3 O7 P'
DG DNA linking 2'-DEOXYGUANOSINE-5'-MONOPHOSPHATE 'C10 H14 N5 O7 P'
DT DNA linking THYMIDINE-5'-MONOPHOSPHATE 'C10 H15 N2 O8 P'
#